data_8ZVP
#
_entry.id   8ZVP
#
_cell.length_a   91.200
_cell.length_b   91.200
_cell.length_c   143.710
_cell.angle_alpha   90.00
_cell.angle_beta   90.00
_cell.angle_gamma   120.00
#
_symmetry.space_group_name_H-M   'P 63'
#
loop_
_entity.id
_entity.type
_entity.pdbx_description
1 polymer 'NAD-dependent protein deacylase sirtuin-6'
2 non-polymer 'ZINC ION'
3 non-polymer '[(2R,3S,4R,5R)-5-(6-AMINOPURIN-9-YL)-3,4-DIHYDROXY-OXOLAN-2-YL]METHYL[HYDROXY-[[(2R,3S,4R,5S)-3,4,5-TRIHYDROXYOXOLAN-2-YL]METHOXY]PHOSPHORYL] HYDROGEN PHOSPHATE'
4 non-polymer '(2R,3R)-5,7-dihydroxy-2-(3,4,5-trihydroxyphenyl)-3,4-dihydro-2H-chromen-3-yl 3,4,5-trihydroxybenzoate'
#
_entity_poly.entity_id   1
_entity_poly.type   'polypeptide(L)'
_entity_poly.pdbx_seq_one_letter_code
;PFTADKGKCGLPEIFDPPEELERKVWELARLVWQSSSVVFHTGAGISTASGIPDFRGPHGVWTMEERGLAPKFDTTFESA
RPTQTHMALVQLERVGLLRFLVSQNVDGLHVRSGFPRDKLAELHGNMFVEECAKCKTQYVRDTVVGTMGLKATGRLCTVA
KARGLRACRGELRDTILDWEDSLPDRDLALADEASRNADLSITLGTSLQIRPSGNLPLATKRRGGRLVIVNLQPTKHDRH
ADLRIHGYVDEVMTRLMKHLGLEIPAWDGPRVLERALPPLPRPPTPKLEPKEESPTRIN
;
_entity_poly.pdbx_strand_id   A,B
#
# COMPACT_ATOMS: atom_id res chain seq x y z
N PRO A 1 -13.20 -27.14 -6.30
CA PRO A 1 -12.44 -27.26 -5.06
C PRO A 1 -10.94 -27.40 -5.37
N PHE A 2 -10.61 -28.50 -6.02
CA PHE A 2 -9.25 -28.92 -6.44
C PHE A 2 -9.19 -28.90 -7.99
N THR A 3 -10.25 -29.40 -8.62
CA THR A 3 -10.42 -29.63 -10.08
C THR A 3 -11.10 -28.41 -10.73
N ALA A 4 -11.56 -27.45 -9.92
CA ALA A 4 -12.30 -26.23 -10.34
C ALA A 4 -11.55 -25.49 -11.45
N ASP A 5 -12.32 -24.82 -12.30
CA ASP A 5 -11.87 -24.01 -13.47
C ASP A 5 -11.37 -22.64 -12.97
N LYS A 6 -10.06 -22.40 -12.98
CA LYS A 6 -9.43 -21.20 -12.37
C LYS A 6 -9.05 -20.16 -13.45
N GLY A 7 -9.37 -20.44 -14.71
CA GLY A 7 -9.20 -19.51 -15.86
C GLY A 7 -7.75 -19.33 -16.28
N LYS A 8 -7.52 -18.37 -17.18
CA LYS A 8 -6.19 -18.09 -17.74
C LYS A 8 -5.42 -17.24 -16.73
N CYS A 9 -4.27 -17.70 -16.30
CA CYS A 9 -3.42 -17.14 -15.23
C CYS A 9 -2.10 -16.71 -15.83
N GLY A 10 -1.53 -15.63 -15.31
CA GLY A 10 -0.14 -15.18 -15.56
C GLY A 10 0.09 -14.62 -16.94
N LEU A 11 -0.97 -14.20 -17.66
CA LEU A 11 -0.85 -13.50 -18.98
C LEU A 11 0.20 -12.40 -18.84
N PRO A 12 0.87 -11.96 -19.93
CA PRO A 12 1.85 -10.87 -19.83
C PRO A 12 1.11 -9.57 -19.53
N GLU A 13 1.86 -8.62 -18.98
CA GLU A 13 1.37 -7.27 -18.66
C GLU A 13 1.63 -6.38 -19.88
N ILE A 14 0.80 -5.37 -20.07
CA ILE A 14 0.92 -4.30 -21.10
C ILE A 14 1.11 -2.94 -20.41
N PHE A 15 1.96 -2.09 -20.95
CA PHE A 15 2.20 -0.73 -20.40
C PHE A 15 2.02 0.28 -21.52
N ASP A 16 0.87 0.96 -21.56
CA ASP A 16 0.63 2.12 -22.44
C ASP A 16 1.74 3.13 -22.20
N PRO A 17 2.37 3.67 -23.25
CA PRO A 17 3.47 4.61 -23.06
C PRO A 17 2.88 5.92 -22.53
N PRO A 18 3.69 6.74 -21.82
CA PRO A 18 3.22 7.95 -21.15
C PRO A 18 2.26 8.81 -21.97
N GLU A 19 2.62 9.12 -23.23
CA GLU A 19 1.81 9.94 -24.17
C GLU A 19 0.40 9.36 -24.23
N GLU A 20 0.29 8.15 -24.78
CA GLU A 20 -0.97 7.41 -25.05
C GLU A 20 -1.74 7.27 -23.72
N LEU A 21 -1.02 7.19 -22.61
CA LEU A 21 -1.63 7.08 -21.27
C LEU A 21 -2.38 8.37 -20.87
N GLU A 22 -1.71 9.54 -20.87
CA GLU A 22 -2.39 10.83 -20.55
C GLU A 22 -3.61 11.05 -21.47
N ARG A 23 -3.50 10.84 -22.79
CA ARG A 23 -4.63 11.01 -23.73
C ARG A 23 -5.80 10.10 -23.32
N LYS A 24 -5.53 8.92 -22.77
CA LYS A 24 -6.59 7.95 -22.42
C LYS A 24 -7.25 8.36 -21.11
N VAL A 25 -6.51 8.94 -20.19
CA VAL A 25 -7.08 9.30 -18.87
C VAL A 25 -7.93 10.56 -19.08
N TRP A 26 -7.49 11.45 -19.99
CA TRP A 26 -8.27 12.64 -20.43
C TRP A 26 -9.57 12.16 -21.08
N GLU A 27 -9.52 11.08 -21.85
CA GLU A 27 -10.70 10.54 -22.59
C GLU A 27 -11.71 9.97 -21.57
N LEU A 28 -11.21 9.32 -20.51
CA LEU A 28 -12.04 8.76 -19.41
C LEU A 28 -12.76 9.89 -18.68
N ALA A 29 -12.02 10.96 -18.31
CA ALA A 29 -12.56 12.16 -17.67
C ALA A 29 -13.76 12.65 -18.50
N ARG A 30 -13.56 12.76 -19.82
CA ARG A 30 -14.62 13.17 -20.77
C ARG A 30 -15.81 12.22 -20.65
N LEU A 31 -15.60 10.91 -20.60
CA LEU A 31 -16.73 9.94 -20.52
C LEU A 31 -17.48 10.11 -19.20
N VAL A 32 -16.76 10.32 -18.11
CA VAL A 32 -17.37 10.57 -16.77
C VAL A 32 -18.23 11.83 -16.93
N TRP A 33 -17.65 12.91 -17.45
CA TRP A 33 -18.36 14.22 -17.54
C TRP A 33 -19.66 14.05 -18.33
N GLN A 34 -19.62 13.31 -19.45
CA GLN A 34 -20.72 13.14 -20.44
C GLN A 34 -21.83 12.25 -19.91
N SER A 35 -21.57 11.45 -18.87
CA SER A 35 -22.43 10.33 -18.42
C SER A 35 -23.29 10.75 -17.21
N SER A 36 -24.53 10.28 -17.13
CA SER A 36 -25.47 10.60 -16.04
C SER A 36 -25.55 9.46 -15.03
N SER A 37 -24.79 8.38 -15.22
CA SER A 37 -24.96 7.12 -14.46
C SER A 37 -23.70 6.24 -14.61
N VAL A 38 -22.75 6.38 -13.66
CA VAL A 38 -21.43 5.70 -13.64
C VAL A 38 -21.46 4.59 -12.59
N VAL A 39 -21.34 3.34 -13.01
CA VAL A 39 -21.04 2.20 -12.11
C VAL A 39 -19.56 1.85 -12.22
N PHE A 40 -18.93 1.48 -11.12
CA PHE A 40 -17.56 0.93 -11.10
C PHE A 40 -17.66 -0.55 -10.78
N HIS A 41 -16.82 -1.36 -11.42
CA HIS A 41 -16.57 -2.79 -11.09
C HIS A 41 -15.11 -2.98 -10.65
N THR A 42 -14.90 -3.40 -9.40
CA THR A 42 -13.52 -3.62 -8.89
C THR A 42 -13.21 -5.10 -8.62
N GLY A 43 -11.96 -5.46 -8.86
CA GLY A 43 -11.36 -6.77 -8.50
C GLY A 43 -10.05 -6.58 -7.74
N ALA A 44 -9.37 -7.68 -7.39
CA ALA A 44 -8.19 -7.71 -6.49
C ALA A 44 -7.01 -6.81 -6.92
N GLY A 45 -6.98 -6.29 -8.13
CA GLY A 45 -5.92 -5.38 -8.65
C GLY A 45 -5.93 -4.02 -7.96
N ILE A 46 -7.05 -3.63 -7.35
CA ILE A 46 -7.09 -2.35 -6.60
C ILE A 46 -6.47 -2.54 -5.22
N SER A 47 -6.10 -3.77 -4.84
CA SER A 47 -5.62 -4.12 -3.47
C SER A 47 -4.15 -4.51 -3.42
N THR A 48 -3.47 -4.63 -4.55
CA THR A 48 -2.08 -5.08 -4.66
C THR A 48 -1.13 -4.01 -4.12
N ALA A 49 -1.41 -2.74 -4.33
CA ALA A 49 -0.61 -1.61 -3.80
C ALA A 49 -0.75 -1.48 -2.29
N SER A 50 -1.65 -2.25 -1.66
CA SER A 50 -1.79 -2.26 -0.18
C SER A 50 -1.27 -3.59 0.40
N GLY A 51 -0.57 -4.38 -0.38
CA GLY A 51 0.21 -5.55 0.06
C GLY A 51 -0.50 -6.88 -0.12
N ILE A 52 -1.69 -6.88 -0.75
CA ILE A 52 -2.54 -8.09 -0.97
C ILE A 52 -2.34 -8.60 -2.39
N PRO A 53 -1.87 -9.85 -2.60
CA PRO A 53 -1.63 -10.35 -3.93
C PRO A 53 -2.97 -10.73 -4.57
N ASP A 54 -3.02 -10.73 -5.90
CA ASP A 54 -4.28 -10.94 -6.67
C ASP A 54 -4.42 -12.45 -6.88
N PHE A 55 -5.22 -12.84 -7.85
CA PHE A 55 -5.38 -14.28 -8.14
C PHE A 55 -4.66 -14.65 -9.42
N ARG A 56 -4.79 -13.86 -10.48
CA ARG A 56 -4.35 -14.33 -11.81
C ARG A 56 -3.23 -13.44 -12.34
N GLY A 57 -2.63 -12.63 -11.50
CA GLY A 57 -1.48 -11.80 -11.91
C GLY A 57 -0.21 -12.62 -11.82
N PRO A 58 0.93 -12.09 -12.28
CA PRO A 58 2.19 -12.78 -12.24
C PRO A 58 2.52 -13.42 -10.90
N HIS A 59 2.30 -12.74 -9.78
CA HIS A 59 2.53 -13.38 -8.47
C HIS A 59 1.18 -13.64 -7.81
N GLY A 60 0.12 -13.78 -8.59
CA GLY A 60 -1.24 -14.03 -8.07
C GLY A 60 -1.36 -15.44 -7.51
N VAL A 61 -2.28 -15.63 -6.58
CA VAL A 61 -2.38 -16.90 -5.79
C VAL A 61 -2.44 -18.08 -6.76
N TRP A 62 -3.37 -18.07 -7.72
CA TRP A 62 -3.54 -19.16 -8.71
C TRP A 62 -2.26 -19.27 -9.53
N THR A 63 -1.72 -18.14 -9.97
CA THR A 63 -0.53 -18.08 -10.88
C THR A 63 0.68 -18.71 -10.20
N MET A 64 0.91 -18.45 -8.91
CA MET A 64 2.07 -19.04 -8.20
C MET A 64 1.80 -20.54 -7.95
N GLU A 65 0.56 -20.91 -7.64
CA GLU A 65 0.14 -22.32 -7.41
C GLU A 65 0.58 -23.17 -8.61
N GLU A 66 0.22 -22.75 -9.83
CA GLU A 66 0.56 -23.44 -11.11
C GLU A 66 2.06 -23.68 -11.27
N ARG A 67 2.92 -22.80 -10.71
CA ARG A 67 4.41 -22.92 -10.82
C ARG A 67 4.97 -23.65 -9.59
N GLY A 68 4.11 -24.00 -8.63
CA GLY A 68 4.53 -24.62 -7.36
C GLY A 68 5.11 -23.62 -6.37
N LEU A 69 4.70 -22.35 -6.41
CA LEU A 69 5.21 -21.31 -5.48
C LEU A 69 4.06 -20.81 -4.60
N ALA A 70 4.36 -19.95 -3.63
CA ALA A 70 3.38 -19.39 -2.67
C ALA A 70 3.21 -17.90 -2.95
N PRO A 71 1.97 -17.37 -2.98
CA PRO A 71 1.75 -15.94 -3.02
C PRO A 71 2.36 -15.29 -1.77
N LYS A 72 2.76 -14.04 -1.85
CA LYS A 72 3.31 -13.26 -0.72
C LYS A 72 2.28 -12.19 -0.35
N PHE A 73 2.06 -12.05 0.95
CA PHE A 73 1.22 -11.04 1.64
C PHE A 73 2.20 -10.09 2.33
N ASP A 74 2.05 -8.79 2.09
CA ASP A 74 2.88 -7.73 2.69
C ASP A 74 2.13 -7.09 3.86
N THR A 75 0.93 -7.60 4.15
CA THR A 75 0.21 -7.29 5.41
C THR A 75 -0.89 -8.31 5.67
N THR A 76 -1.44 -8.23 6.87
CA THR A 76 -2.64 -8.95 7.25
C THR A 76 -3.83 -8.25 6.62
N PHE A 77 -4.97 -8.92 6.62
CA PHE A 77 -6.25 -8.29 6.21
C PHE A 77 -6.62 -7.17 7.20
N GLU A 78 -6.19 -7.28 8.46
CA GLU A 78 -6.51 -6.33 9.55
C GLU A 78 -5.67 -5.05 9.46
N SER A 79 -4.38 -5.16 9.17
CA SER A 79 -3.43 -4.01 9.09
C SER A 79 -3.39 -3.43 7.67
N ALA A 80 -4.17 -3.96 6.75
CA ALA A 80 -4.17 -3.51 5.34
C ALA A 80 -4.82 -2.12 5.24
N ARG A 81 -4.18 -1.21 4.53
CA ARG A 81 -4.69 0.17 4.34
C ARG A 81 -5.26 0.28 2.94
N PRO A 82 -6.51 0.81 2.81
CA PRO A 82 -7.13 1.09 1.53
C PRO A 82 -6.17 1.95 0.72
N THR A 83 -6.13 1.74 -0.61
CA THR A 83 -5.28 2.43 -1.59
C THR A 83 -5.89 3.78 -2.01
N GLN A 84 -5.07 4.60 -2.67
CA GLN A 84 -5.49 5.78 -3.44
C GLN A 84 -6.77 5.46 -4.21
N THR A 85 -6.89 4.28 -4.86
CA THR A 85 -8.06 3.90 -5.69
C THR A 85 -9.30 3.76 -4.79
N HIS A 86 -9.21 2.99 -3.71
CA HIS A 86 -10.29 2.85 -2.70
C HIS A 86 -10.80 4.25 -2.24
N MET A 87 -9.92 5.11 -1.73
CA MET A 87 -10.30 6.46 -1.22
C MET A 87 -10.84 7.38 -2.33
N ALA A 88 -10.32 7.24 -3.55
CA ALA A 88 -10.82 8.05 -4.68
C ALA A 88 -12.28 7.65 -4.96
N LEU A 89 -12.66 6.37 -4.80
CA LEU A 89 -14.05 5.93 -5.12
C LEU A 89 -15.03 6.44 -4.04
N VAL A 90 -14.56 6.59 -2.80
CA VAL A 90 -15.38 7.13 -1.66
C VAL A 90 -15.82 8.53 -2.08
N GLN A 91 -14.86 9.32 -2.55
CA GLN A 91 -15.04 10.73 -2.97
C GLN A 91 -16.01 10.86 -4.14
N LEU A 92 -15.80 10.08 -5.20
CA LEU A 92 -16.70 10.02 -6.38
C LEU A 92 -18.14 9.68 -5.95
N GLU A 93 -18.35 8.92 -4.88
CA GLU A 93 -19.73 8.62 -4.37
C GLU A 93 -20.20 9.90 -3.65
N ARG A 94 -19.27 10.57 -2.97
CA ARG A 94 -19.68 11.68 -2.07
C ARG A 94 -20.04 12.91 -2.89
N VAL A 95 -19.55 13.03 -4.13
CA VAL A 95 -19.88 14.17 -5.03
C VAL A 95 -20.87 13.73 -6.13
N GLY A 96 -21.43 12.53 -6.06
CA GLY A 96 -22.48 12.05 -6.97
C GLY A 96 -21.97 11.59 -8.34
N LEU A 97 -20.66 11.35 -8.52
CA LEU A 97 -20.13 10.93 -9.85
C LEU A 97 -20.12 9.40 -9.97
N LEU A 98 -20.50 8.68 -8.94
CA LEU A 98 -20.50 7.19 -8.91
C LEU A 98 -21.88 6.77 -8.38
N ARG A 99 -22.75 6.14 -9.20
CA ARG A 99 -24.11 5.68 -8.77
C ARG A 99 -23.98 4.44 -7.87
N PHE A 100 -23.22 3.45 -8.30
CA PHE A 100 -23.11 2.14 -7.65
C PHE A 100 -21.71 1.59 -7.75
N LEU A 101 -21.40 0.67 -6.85
CA LEU A 101 -20.09 0.02 -6.83
C LEU A 101 -20.33 -1.47 -6.67
N VAL A 102 -19.72 -2.22 -7.55
CA VAL A 102 -19.81 -3.71 -7.65
C VAL A 102 -18.39 -4.24 -7.57
N SER A 103 -18.07 -4.94 -6.49
CA SER A 103 -16.73 -5.51 -6.23
C SER A 103 -16.85 -7.01 -6.05
N GLN A 104 -15.82 -7.72 -6.50
CA GLN A 104 -15.61 -9.18 -6.32
C GLN A 104 -14.64 -9.47 -5.18
N ASN A 105 -14.01 -8.45 -4.58
CA ASN A 105 -13.03 -8.65 -3.48
C ASN A 105 -13.75 -9.02 -2.20
N VAL A 106 -13.15 -9.93 -1.42
CA VAL A 106 -13.57 -10.33 -0.05
C VAL A 106 -12.66 -9.67 1.02
N ASP A 107 -11.74 -8.78 0.65
CA ASP A 107 -10.72 -8.17 1.56
C ASP A 107 -11.34 -7.14 2.52
N GLY A 108 -12.58 -6.70 2.34
CA GLY A 108 -13.30 -5.77 3.23
C GLY A 108 -12.86 -4.31 3.13
N LEU A 109 -11.87 -3.96 2.33
CA LEU A 109 -11.22 -2.62 2.36
C LEU A 109 -12.19 -1.55 1.84
N HIS A 110 -13.07 -1.90 0.90
CA HIS A 110 -14.17 -0.98 0.51
C HIS A 110 -14.93 -0.58 1.76
N VAL A 111 -15.47 -1.53 2.51
CA VAL A 111 -16.28 -1.17 3.69
C VAL A 111 -15.38 -0.41 4.67
N ARG A 112 -14.18 -0.90 4.95
CA ARG A 112 -13.27 -0.25 5.92
C ARG A 112 -12.89 1.19 5.50
N SER A 113 -12.99 1.57 4.23
CA SER A 113 -12.64 2.93 3.72
C SER A 113 -13.79 3.92 3.98
N GLY A 114 -14.95 3.41 4.40
CA GLY A 114 -16.12 4.26 4.66
C GLY A 114 -17.02 4.34 3.45
N PHE A 115 -16.91 3.41 2.53
CA PHE A 115 -17.85 3.37 1.39
C PHE A 115 -19.20 2.93 1.92
N PRO A 116 -20.30 3.65 1.62
CA PRO A 116 -21.63 3.29 2.13
C PRO A 116 -22.17 1.96 1.60
N ARG A 117 -22.49 1.04 2.51
CA ARG A 117 -22.86 -0.38 2.20
C ARG A 117 -24.08 -0.48 1.27
N ASP A 118 -25.02 0.46 1.33
CA ASP A 118 -26.25 0.49 0.49
C ASP A 118 -25.92 0.86 -0.98
N LYS A 119 -24.69 1.29 -1.34
CA LYS A 119 -24.34 1.61 -2.75
C LYS A 119 -23.23 0.70 -3.24
N LEU A 120 -23.07 -0.46 -2.63
CA LEU A 120 -21.97 -1.39 -2.96
C LEU A 120 -22.49 -2.82 -2.95
N ALA A 121 -22.15 -3.65 -3.92
CA ALA A 121 -22.57 -5.08 -3.94
C ALA A 121 -21.34 -5.98 -3.79
N GLU A 122 -21.24 -6.68 -2.66
CA GLU A 122 -20.09 -7.58 -2.33
C GLU A 122 -20.41 -8.95 -2.89
N LEU A 123 -20.11 -9.14 -4.17
CA LEU A 123 -20.53 -10.30 -4.95
C LEU A 123 -19.96 -11.60 -4.35
N HIS A 124 -18.71 -11.62 -3.89
CA HIS A 124 -18.08 -12.88 -3.43
C HIS A 124 -18.04 -12.92 -1.91
N GLY A 125 -18.59 -11.91 -1.24
CA GLY A 125 -18.60 -11.84 0.23
C GLY A 125 -17.45 -11.00 0.78
N ASN A 126 -17.22 -11.12 2.09
CA ASN A 126 -16.36 -10.22 2.91
C ASN A 126 -15.83 -10.98 4.11
N MET A 127 -14.51 -11.05 4.26
CA MET A 127 -13.86 -11.81 5.35
C MET A 127 -14.35 -11.34 6.71
N PHE A 128 -14.67 -10.04 6.85
CA PHE A 128 -14.98 -9.39 8.15
C PHE A 128 -16.46 -9.55 8.50
N VAL A 129 -17.31 -10.11 7.65
CA VAL A 129 -18.77 -10.08 7.88
C VAL A 129 -19.29 -11.48 8.18
N GLU A 130 -20.09 -11.62 9.23
CA GLU A 130 -20.85 -12.85 9.54
C GLU A 130 -22.33 -12.49 9.41
N GLU A 131 -23.12 -13.46 8.93
CA GLU A 131 -24.57 -13.30 8.74
C GLU A 131 -25.25 -14.08 9.86
N CYS A 132 -26.56 -13.95 10.05
CA CYS A 132 -27.33 -14.85 10.94
C CYS A 132 -28.11 -15.82 10.04
N ALA A 133 -27.97 -17.11 10.26
CA ALA A 133 -28.71 -18.14 9.50
C ALA A 133 -30.20 -17.83 9.58
N LYS A 134 -30.68 -17.41 10.76
CA LYS A 134 -32.12 -17.18 11.02
C LYS A 134 -32.50 -15.74 10.63
N CYS A 135 -31.85 -14.76 11.27
CA CYS A 135 -32.21 -13.33 11.18
C CYS A 135 -31.92 -12.81 9.77
N LYS A 136 -30.82 -13.26 9.17
CA LYS A 136 -30.17 -12.73 7.93
C LYS A 136 -29.55 -11.35 8.21
N THR A 137 -29.23 -11.09 9.46
CA THR A 137 -28.62 -9.83 9.93
C THR A 137 -27.11 -9.95 9.80
N GLN A 138 -26.44 -8.87 9.45
CA GLN A 138 -24.99 -8.88 9.11
C GLN A 138 -24.20 -8.12 10.18
N TYR A 139 -23.18 -8.74 10.74
CA TYR A 139 -22.28 -8.08 11.70
C TYR A 139 -20.94 -7.81 11.02
N VAL A 140 -20.49 -6.57 11.00
CA VAL A 140 -19.16 -6.18 10.44
C VAL A 140 -18.17 -6.13 11.59
N ARG A 141 -17.20 -7.03 11.63
CA ARG A 141 -16.27 -7.19 12.77
C ARG A 141 -14.95 -6.46 12.49
N ASP A 142 -14.17 -6.25 13.53
CA ASP A 142 -12.87 -5.52 13.50
C ASP A 142 -11.75 -6.50 13.13
N THR A 143 -12.05 -7.80 12.98
CA THR A 143 -11.08 -8.85 12.59
C THR A 143 -11.80 -9.85 11.69
N VAL A 144 -11.03 -10.70 11.01
CA VAL A 144 -11.56 -11.70 10.07
C VAL A 144 -12.23 -12.80 10.87
N VAL A 145 -13.38 -13.27 10.39
CA VAL A 145 -14.30 -14.14 11.18
C VAL A 145 -13.70 -15.53 11.45
N GLY A 146 -13.02 -16.15 10.49
CA GLY A 146 -12.36 -17.43 10.78
C GLY A 146 -12.60 -18.44 9.68
N THR A 147 -13.76 -18.44 9.03
CA THR A 147 -14.16 -19.56 8.14
C THR A 147 -14.43 -19.05 6.73
N MET A 148 -14.51 -19.97 5.75
CA MET A 148 -14.93 -19.69 4.34
C MET A 148 -15.92 -20.76 3.93
N GLY A 149 -16.77 -20.49 2.95
CA GLY A 149 -17.72 -21.48 2.40
C GLY A 149 -19.03 -21.57 3.18
N LEU A 150 -19.41 -20.48 3.86
CA LEU A 150 -20.67 -20.31 4.63
C LEU A 150 -20.79 -21.34 5.76
N LYS A 151 -19.75 -21.47 6.60
CA LYS A 151 -19.78 -22.40 7.76
C LYS A 151 -19.91 -21.56 9.03
N ALA A 152 -20.42 -22.17 10.12
CA ALA A 152 -20.65 -21.52 11.43
C ALA A 152 -19.33 -21.06 12.02
N THR A 153 -19.28 -19.82 12.53
CA THR A 153 -18.06 -19.20 13.10
C THR A 153 -17.91 -19.60 14.58
N GLY A 154 -19.01 -19.86 15.29
CA GLY A 154 -19.02 -20.14 16.74
C GLY A 154 -19.71 -19.05 17.55
N ARG A 155 -20.11 -17.95 16.90
CA ARG A 155 -20.84 -16.83 17.54
C ARG A 155 -22.33 -16.93 17.19
N LEU A 156 -23.18 -16.31 18.01
CA LEU A 156 -24.65 -16.34 17.91
C LEU A 156 -25.20 -14.92 17.76
N CYS A 157 -26.42 -14.82 17.22
CA CYS A 157 -27.12 -13.54 16.94
C CYS A 157 -27.56 -12.88 18.25
N THR A 158 -27.53 -11.56 18.31
CA THR A 158 -27.71 -10.78 19.55
C THR A 158 -28.85 -9.79 19.36
N VAL A 159 -29.72 -10.01 18.36
CA VAL A 159 -30.97 -9.22 18.17
C VAL A 159 -31.95 -9.63 19.27
N ALA A 160 -32.77 -8.71 19.78
CA ALA A 160 -33.76 -8.96 20.86
C ALA A 160 -34.93 -7.97 20.73
N CYS A 168 -32.73 -13.79 19.48
CA CYS A 168 -32.62 -14.65 18.28
C CYS A 168 -31.76 -15.89 18.58
N ARG A 169 -30.50 -15.65 18.96
CA ARG A 169 -29.51 -16.68 19.35
C ARG A 169 -29.28 -17.64 18.16
N GLY A 170 -29.38 -17.12 16.93
CA GLY A 170 -29.22 -17.90 15.68
C GLY A 170 -27.76 -18.08 15.33
N GLU A 171 -27.46 -18.92 14.35
CA GLU A 171 -26.07 -19.30 14.02
C GLU A 171 -25.44 -18.22 13.14
N LEU A 172 -24.28 -17.71 13.53
CA LEU A 172 -23.50 -16.78 12.66
C LEU A 172 -22.63 -17.60 11.71
N ARG A 173 -22.53 -17.14 10.47
CA ARG A 173 -21.75 -17.81 9.41
C ARG A 173 -20.94 -16.77 8.64
N ASP A 174 -19.81 -17.19 8.07
CA ASP A 174 -19.01 -16.38 7.10
C ASP A 174 -19.84 -16.10 5.84
N THR A 175 -19.45 -15.11 5.04
CA THR A 175 -20.11 -14.79 3.75
C THR A 175 -19.20 -15.15 2.56
N ILE A 176 -18.11 -15.89 2.79
CA ILE A 176 -17.15 -16.21 1.68
C ILE A 176 -17.74 -17.36 0.89
N LEU A 177 -18.27 -17.09 -0.30
CA LEU A 177 -18.70 -18.10 -1.31
C LEU A 177 -17.63 -19.18 -1.52
N ASP A 178 -18.08 -20.40 -1.77
CA ASP A 178 -17.21 -21.51 -2.22
C ASP A 178 -17.40 -21.68 -3.73
N TRP A 179 -16.71 -22.65 -4.33
CA TRP A 179 -16.74 -22.85 -5.81
C TRP A 179 -18.14 -23.14 -6.33
N GLU A 180 -19.01 -23.84 -5.60
CA GLU A 180 -20.31 -24.28 -6.19
C GLU A 180 -21.42 -23.33 -5.73
N ASP A 181 -21.09 -22.41 -4.82
CA ASP A 181 -22.06 -21.51 -4.13
C ASP A 181 -22.61 -20.44 -5.08
N SER A 182 -23.94 -20.24 -5.08
CA SER A 182 -24.61 -19.14 -5.84
C SER A 182 -24.22 -17.80 -5.19
N LEU A 183 -24.36 -16.72 -5.95
CA LEU A 183 -24.18 -15.33 -5.47
C LEU A 183 -25.34 -14.96 -4.57
N PRO A 184 -25.13 -14.21 -3.47
CA PRO A 184 -26.22 -13.59 -2.73
C PRO A 184 -27.13 -12.82 -3.70
N ASP A 185 -28.43 -13.12 -3.62
CA ASP A 185 -29.46 -12.73 -4.63
C ASP A 185 -29.63 -11.23 -4.59
N ARG A 186 -29.58 -10.65 -3.39
CA ARG A 186 -29.78 -9.19 -3.19
C ARG A 186 -28.66 -8.40 -3.87
N ASP A 187 -27.40 -8.76 -3.63
CA ASP A 187 -26.23 -8.03 -4.16
C ASP A 187 -26.20 -8.22 -5.68
N LEU A 188 -26.39 -9.44 -6.15
CA LEU A 188 -26.44 -9.69 -7.61
C LEU A 188 -27.57 -8.86 -8.22
N ALA A 189 -28.76 -8.92 -7.66
CA ALA A 189 -29.92 -8.17 -8.22
C ALA A 189 -29.57 -6.68 -8.34
N LEU A 190 -29.07 -6.04 -7.27
CA LEU A 190 -28.75 -4.58 -7.29
C LEU A 190 -27.63 -4.32 -8.31
N ALA A 191 -26.60 -5.18 -8.35
CA ALA A 191 -25.46 -5.07 -9.29
C ALA A 191 -25.99 -5.17 -10.73
N ASP A 192 -26.91 -6.09 -11.00
CA ASP A 192 -27.50 -6.31 -12.35
C ASP A 192 -28.32 -5.08 -12.77
N GLU A 193 -29.15 -4.57 -11.87
CA GLU A 193 -29.96 -3.34 -12.10
C GLU A 193 -29.00 -2.15 -12.39
N ALA A 194 -28.06 -1.90 -11.50
CA ALA A 194 -27.11 -0.76 -11.64
C ALA A 194 -26.33 -0.86 -12.94
N SER A 195 -25.91 -2.06 -13.32
CA SER A 195 -25.15 -2.29 -14.58
C SER A 195 -26.06 -2.07 -15.79
N ARG A 196 -27.29 -2.61 -15.73
CA ARG A 196 -28.31 -2.52 -16.82
C ARG A 196 -28.60 -1.05 -17.15
N ASN A 197 -28.83 -0.21 -16.16
CA ASN A 197 -29.32 1.16 -16.42
C ASN A 197 -28.17 2.18 -16.36
N ALA A 198 -26.90 1.73 -16.33
CA ALA A 198 -25.71 2.63 -16.37
C ALA A 198 -25.49 3.09 -17.82
N ASP A 199 -25.03 4.32 -18.04
CA ASP A 199 -24.55 4.78 -19.37
C ASP A 199 -23.01 4.76 -19.41
N LEU A 200 -22.38 4.38 -18.31
CA LEU A 200 -20.93 4.07 -18.30
C LEU A 200 -20.62 3.05 -17.21
N SER A 201 -19.92 1.99 -17.57
CA SER A 201 -19.27 1.04 -16.62
C SER A 201 -17.76 1.21 -16.75
N ILE A 202 -17.04 1.33 -15.65
CA ILE A 202 -15.55 1.39 -15.59
C ILE A 202 -15.12 0.23 -14.70
N THR A 203 -14.28 -0.66 -15.21
CA THR A 203 -13.78 -1.84 -14.49
C THR A 203 -12.31 -1.61 -14.14
N LEU A 204 -11.95 -1.73 -12.86
CA LEU A 204 -10.61 -1.47 -12.33
C LEU A 204 -10.10 -2.78 -11.72
N GLY A 205 -8.87 -3.18 -12.05
CA GLY A 205 -8.21 -4.39 -11.51
C GLY A 205 -9.07 -5.66 -11.50
N THR A 206 -9.85 -5.96 -12.55
CA THR A 206 -10.43 -7.32 -12.71
C THR A 206 -10.19 -7.83 -14.14
N SER A 207 -9.94 -9.13 -14.29
CA SER A 207 -9.67 -9.80 -15.58
C SER A 207 -10.97 -10.35 -16.15
N LEU A 208 -12.06 -10.25 -15.38
CA LEU A 208 -13.46 -10.50 -15.82
C LEU A 208 -13.73 -11.94 -16.27
N GLN A 209 -13.05 -12.90 -15.68
CA GLN A 209 -13.21 -14.31 -16.08
C GLN A 209 -14.33 -15.00 -15.31
N ILE A 210 -14.76 -14.51 -14.16
CA ILE A 210 -15.78 -15.23 -13.35
C ILE A 210 -17.15 -15.01 -13.95
N ARG A 211 -17.95 -16.07 -14.05
CA ARG A 211 -19.08 -16.05 -14.97
C ARG A 211 -20.13 -15.02 -14.64
N PRO A 212 -20.84 -14.87 -13.51
CA PRO A 212 -21.83 -13.79 -13.46
C PRO A 212 -21.14 -12.42 -13.30
N SER A 213 -20.20 -12.33 -12.38
CA SER A 213 -19.52 -11.07 -11.98
C SER A 213 -18.85 -10.36 -13.14
N GLY A 214 -18.08 -11.08 -13.96
CA GLY A 214 -17.31 -10.50 -15.07
C GLY A 214 -18.16 -10.06 -16.22
N ASN A 215 -19.39 -10.55 -16.33
CA ASN A 215 -20.23 -10.18 -17.48
C ASN A 215 -21.00 -8.89 -17.25
N LEU A 216 -21.18 -8.45 -16.01
CA LEU A 216 -22.11 -7.36 -15.67
C LEU A 216 -21.73 -6.06 -16.40
N PRO A 217 -20.47 -5.69 -16.56
CA PRO A 217 -20.18 -4.50 -17.36
C PRO A 217 -20.68 -4.57 -18.81
N LEU A 218 -20.83 -5.75 -19.42
CA LEU A 218 -21.35 -5.91 -20.81
C LEU A 218 -22.82 -5.46 -20.80
N ALA A 219 -23.58 -5.74 -19.74
CA ALA A 219 -25.00 -5.30 -19.64
C ALA A 219 -25.11 -3.78 -19.82
N THR A 220 -24.10 -3.01 -19.40
CA THR A 220 -24.03 -1.56 -19.70
C THR A 220 -23.96 -1.37 -21.23
N LYS A 221 -23.24 -2.22 -22.00
CA LYS A 221 -23.04 -1.94 -23.45
C LYS A 221 -24.35 -2.13 -24.25
N ARG A 222 -25.29 -2.98 -23.83
CA ARG A 222 -26.65 -3.00 -24.44
C ARG A 222 -27.31 -1.63 -24.23
N ARG A 223 -27.98 -1.13 -25.26
CA ARG A 223 -28.73 0.16 -25.34
C ARG A 223 -27.79 1.35 -25.17
N GLY A 224 -26.63 1.33 -25.83
CA GLY A 224 -25.79 2.52 -26.11
C GLY A 224 -24.69 2.80 -25.10
N GLY A 225 -24.65 2.08 -23.98
CA GLY A 225 -23.76 2.40 -22.84
C GLY A 225 -22.31 2.22 -23.23
N ARG A 226 -21.40 2.97 -22.61
CA ARG A 226 -19.94 2.91 -22.89
C ARG A 226 -19.32 2.02 -21.82
N LEU A 227 -18.29 1.24 -22.18
CA LEU A 227 -17.55 0.40 -21.21
C LEU A 227 -16.07 0.78 -21.24
N VAL A 228 -15.47 0.98 -20.06
CA VAL A 228 -14.02 1.28 -19.91
C VAL A 228 -13.36 0.20 -19.06
N ILE A 229 -12.23 -0.30 -19.53
CA ILE A 229 -11.47 -1.35 -18.82
C ILE A 229 -10.09 -0.82 -18.47
N VAL A 230 -9.80 -0.67 -17.17
CA VAL A 230 -8.44 -0.29 -16.69
C VAL A 230 -7.84 -1.54 -16.03
N ASN A 231 -6.71 -2.06 -16.57
CA ASN A 231 -6.10 -3.38 -16.21
C ASN A 231 -4.71 -3.49 -16.84
N LEU A 232 -3.73 -4.01 -16.10
CA LEU A 232 -2.34 -4.25 -16.59
C LEU A 232 -2.25 -5.43 -17.58
N GLN A 233 -3.08 -6.46 -17.41
CA GLN A 233 -3.18 -7.65 -18.27
C GLN A 233 -4.41 -7.58 -19.18
N PRO A 234 -4.43 -8.29 -20.33
CA PRO A 234 -5.67 -8.53 -21.05
C PRO A 234 -6.73 -9.04 -20.08
N THR A 235 -8.00 -8.92 -20.46
CA THR A 235 -9.22 -9.32 -19.74
C THR A 235 -10.16 -10.02 -20.70
N LYS A 236 -11.18 -10.69 -20.17
CA LYS A 236 -12.06 -11.59 -20.98
C LYS A 236 -12.74 -10.78 -22.08
N HIS A 237 -13.06 -9.52 -21.84
CA HIS A 237 -14.01 -8.75 -22.67
C HIS A 237 -13.31 -7.56 -23.33
N ASP A 238 -11.99 -7.51 -23.36
CA ASP A 238 -11.21 -6.39 -23.96
C ASP A 238 -11.84 -5.89 -25.27
N ARG A 239 -12.42 -6.78 -26.09
CA ARG A 239 -12.99 -6.46 -27.43
C ARG A 239 -14.29 -5.62 -27.31
N HIS A 240 -14.99 -5.70 -26.17
CA HIS A 240 -16.28 -5.01 -25.99
C HIS A 240 -16.08 -3.56 -25.50
N ALA A 241 -14.87 -3.21 -25.08
CA ALA A 241 -14.59 -1.92 -24.44
C ALA A 241 -14.62 -0.84 -25.51
N ASP A 242 -14.92 0.41 -25.12
CA ASP A 242 -14.74 1.62 -25.94
C ASP A 242 -13.38 2.25 -25.58
N LEU A 243 -12.78 1.86 -24.47
CA LEU A 243 -11.49 2.43 -23.98
C LEU A 243 -10.78 1.41 -23.09
N ARG A 244 -9.55 1.04 -23.41
CA ARG A 244 -8.75 0.11 -22.59
C ARG A 244 -7.53 0.89 -22.11
N ILE A 245 -7.25 0.86 -20.83
CA ILE A 245 -6.13 1.63 -20.24
C ILE A 245 -5.23 0.60 -19.54
N HIS A 246 -4.02 0.44 -20.05
CA HIS A 246 -2.96 -0.44 -19.53
C HIS A 246 -2.02 0.39 -18.64
N GLY A 247 -2.35 0.48 -17.36
CA GLY A 247 -1.49 1.11 -16.35
C GLY A 247 -1.94 0.78 -14.96
N TYR A 248 -1.19 1.23 -13.95
CA TYR A 248 -1.50 1.04 -12.51
C TYR A 248 -2.75 1.84 -12.18
N VAL A 249 -3.79 1.19 -11.65
CA VAL A 249 -5.06 1.85 -11.23
C VAL A 249 -4.87 3.06 -10.33
N ASP A 250 -3.82 3.12 -9.50
CA ASP A 250 -3.54 4.30 -8.63
C ASP A 250 -3.17 5.53 -9.49
N GLU A 251 -2.21 5.39 -10.39
CA GLU A 251 -1.76 6.42 -11.37
C GLU A 251 -2.98 6.90 -12.17
N VAL A 252 -3.74 5.98 -12.72
CA VAL A 252 -4.97 6.32 -13.49
C VAL A 252 -5.94 7.11 -12.60
N MET A 253 -6.30 6.59 -11.43
CA MET A 253 -7.29 7.25 -10.55
C MET A 253 -6.76 8.61 -10.04
N THR A 254 -5.46 8.76 -9.75
CA THR A 254 -4.91 10.05 -9.24
C THR A 254 -4.96 11.10 -10.38
N ARG A 255 -4.57 10.72 -11.60
CA ARG A 255 -4.74 11.60 -12.79
C ARG A 255 -6.21 11.96 -13.01
N LEU A 256 -7.10 10.97 -12.95
CA LEU A 256 -8.54 11.18 -13.22
C LEU A 256 -9.08 12.23 -12.25
N MET A 257 -8.76 12.10 -10.96
CA MET A 257 -9.32 12.96 -9.90
C MET A 257 -8.81 14.38 -10.15
N LYS A 258 -7.53 14.47 -10.52
CA LYS A 258 -6.87 15.77 -10.79
C LYS A 258 -7.66 16.41 -11.93
N HIS A 259 -7.95 15.68 -12.99
CA HIS A 259 -8.70 16.25 -14.15
C HIS A 259 -10.08 16.69 -13.69
N LEU A 260 -10.66 15.97 -12.71
CA LEU A 260 -12.03 16.25 -12.24
C LEU A 260 -12.01 17.39 -11.23
N GLY A 261 -10.84 17.80 -10.74
CA GLY A 261 -10.70 18.83 -9.70
C GLY A 261 -11.24 18.38 -8.35
N LEU A 262 -10.95 17.14 -7.95
CA LEU A 262 -11.41 16.53 -6.67
C LEU A 262 -10.17 16.14 -5.87
N GLU A 263 -10.24 16.23 -4.54
CA GLU A 263 -9.12 15.79 -3.69
C GLU A 263 -9.47 14.39 -3.19
N ILE A 264 -8.45 13.56 -3.02
CA ILE A 264 -8.60 12.17 -2.53
C ILE A 264 -8.52 12.25 -1.01
N PRO A 265 -9.59 11.85 -0.33
CA PRO A 265 -9.71 11.99 1.13
C PRO A 265 -8.78 11.12 1.98
N ALA A 266 -8.31 11.68 3.08
CA ALA A 266 -7.66 10.97 4.19
C ALA A 266 -8.57 9.82 4.64
N TRP A 267 -7.94 8.77 5.15
CA TRP A 267 -8.60 7.57 5.73
C TRP A 267 -8.46 7.63 7.24
N ASP A 268 -9.58 7.91 7.92
CA ASP A 268 -9.64 8.09 9.40
C ASP A 268 -9.27 6.80 10.11
N GLY A 269 -9.15 5.68 9.38
CA GLY A 269 -9.01 4.34 9.97
C GLY A 269 -10.28 3.53 9.70
N PRO A 270 -10.35 2.25 10.16
CA PRO A 270 -11.48 1.37 9.88
C PRO A 270 -12.82 1.98 10.30
N ARG A 271 -13.75 2.19 9.36
CA ARG A 271 -15.02 2.91 9.64
C ARG A 271 -16.12 2.37 8.74
N VAL A 272 -17.22 1.92 9.31
CA VAL A 272 -18.38 1.34 8.58
C VAL A 272 -19.41 2.43 8.39
N LEU A 273 -19.93 2.62 7.17
CA LEU A 273 -21.11 3.46 6.90
C LEU A 273 -22.20 2.66 6.20
N GLU A 274 -23.35 2.41 6.83
CA GLU A 274 -24.46 1.58 6.29
C GLU A 274 -25.17 2.27 5.12
N ARG A 275 -25.47 3.57 5.26
CA ARG A 275 -26.33 4.33 4.32
C ARG A 275 -25.60 5.59 3.84
N ALA A 276 -25.51 5.78 2.52
CA ALA A 276 -24.99 6.98 1.82
C ALA A 276 -25.59 8.26 2.41
N LEU A 277 -24.71 9.25 2.66
CA LEU A 277 -25.03 10.63 3.09
C LEU A 277 -25.53 11.39 1.85
N PRO A 278 -26.13 12.58 1.99
CA PRO A 278 -26.60 13.31 0.80
C PRO A 278 -25.38 13.82 0.04
N PRO A 279 -25.52 14.18 -1.26
CA PRO A 279 -24.38 14.55 -2.10
C PRO A 279 -23.63 15.84 -1.71
N LEU A 280 -22.35 15.92 -2.05
CA LEU A 280 -21.56 17.15 -1.78
C LEU A 280 -21.35 17.94 -3.07
N PRO A 281 -21.03 19.24 -2.94
CA PRO A 281 -20.69 20.04 -4.11
C PRO A 281 -19.51 19.41 -4.86
N ARG A 282 -19.50 19.57 -6.18
CA ARG A 282 -18.43 19.11 -7.11
C ARG A 282 -18.20 20.20 -8.15
N PRO A 283 -17.03 20.19 -8.82
CA PRO A 283 -16.71 21.25 -9.77
C PRO A 283 -17.69 21.27 -10.95
N PRO A 284 -17.89 22.44 -11.57
CA PRO A 284 -18.69 22.48 -12.80
C PRO A 284 -17.92 21.79 -13.95
N THR A 285 -18.71 21.30 -14.90
CA THR A 285 -18.30 20.47 -16.05
C THR A 285 -17.56 21.33 -17.07
N PRO A 286 -16.49 20.80 -17.70
CA PRO A 286 -15.91 21.46 -18.86
C PRO A 286 -16.91 21.45 -20.03
N LYS A 287 -16.72 22.39 -20.94
CA LYS A 287 -17.46 22.40 -22.21
C LYS A 287 -16.86 21.32 -23.11
N LEU A 288 -17.69 20.39 -23.59
CA LEU A 288 -17.27 19.30 -24.49
C LEU A 288 -17.89 19.47 -25.90
N GLU A 289 -17.06 19.71 -26.92
CA GLU A 289 -17.39 19.68 -28.39
C GLU A 289 -18.60 20.57 -28.71
N ALA B 4 28.05 -9.80 -8.24
CA ALA B 4 28.20 -9.14 -6.91
C ALA B 4 27.82 -10.13 -5.79
N ASP B 5 28.54 -10.06 -4.67
CA ASP B 5 28.24 -10.77 -3.39
C ASP B 5 26.92 -10.20 -2.85
N LYS B 6 25.81 -10.97 -2.89
CA LYS B 6 24.41 -10.49 -2.61
C LYS B 6 23.85 -11.07 -1.31
N GLY B 7 24.65 -11.77 -0.50
CA GLY B 7 24.26 -12.25 0.85
C GLY B 7 23.15 -13.29 0.82
N LYS B 8 22.79 -13.82 2.01
CA LYS B 8 21.73 -14.85 2.22
C LYS B 8 20.37 -14.32 1.76
N CYS B 9 19.68 -15.06 0.90
CA CYS B 9 18.41 -14.64 0.24
C CYS B 9 17.33 -15.69 0.48
N GLY B 10 16.12 -15.29 0.87
CA GLY B 10 14.91 -16.16 0.86
C GLY B 10 14.70 -16.99 2.12
N LEU B 11 15.36 -16.67 3.24
CA LEU B 11 15.17 -17.35 4.54
C LEU B 11 13.67 -17.51 4.78
N PRO B 12 13.20 -18.55 5.51
CA PRO B 12 11.79 -18.64 5.86
C PRO B 12 11.47 -17.42 6.72
N GLU B 13 10.20 -16.99 6.79
CA GLU B 13 9.77 -15.91 7.71
C GLU B 13 9.28 -16.50 9.04
N ILE B 14 9.29 -15.66 10.07
CA ILE B 14 8.85 -15.96 11.45
C ILE B 14 7.60 -15.13 11.72
N PHE B 15 6.57 -15.73 12.30
CA PHE B 15 5.35 -15.03 12.76
C PHE B 15 5.14 -15.30 14.26
N ASP B 16 5.59 -14.35 15.10
CA ASP B 16 5.28 -14.27 16.56
C ASP B 16 3.77 -14.43 16.75
N PRO B 17 3.28 -15.35 17.63
CA PRO B 17 1.87 -15.41 18.01
C PRO B 17 1.34 -14.13 18.66
N PRO B 18 0.02 -13.84 18.54
CA PRO B 18 -0.56 -12.55 18.89
C PRO B 18 -0.30 -12.10 20.34
N GLU B 19 -0.55 -13.00 21.29
CA GLU B 19 -0.29 -12.79 22.74
C GLU B 19 1.15 -12.27 22.91
N GLU B 20 2.10 -13.01 22.37
CA GLU B 20 3.56 -12.70 22.42
C GLU B 20 3.83 -11.38 21.67
N LEU B 21 3.17 -11.16 20.54
CA LEU B 21 3.38 -9.95 19.69
C LEU B 21 2.96 -8.68 20.45
N GLU B 22 1.78 -8.68 21.06
CA GLU B 22 1.31 -7.59 21.95
C GLU B 22 2.27 -7.44 23.14
N ARG B 23 2.71 -8.53 23.78
CA ARG B 23 3.70 -8.41 24.89
C ARG B 23 4.92 -7.59 24.39
N LYS B 24 5.47 -7.88 23.20
CA LYS B 24 6.74 -7.28 22.67
C LYS B 24 6.55 -5.80 22.29
N VAL B 25 5.41 -5.45 21.73
CA VAL B 25 5.15 -4.04 21.33
C VAL B 25 4.99 -3.19 22.58
N TRP B 26 4.47 -3.77 23.69
CA TRP B 26 4.44 -3.08 25.01
C TRP B 26 5.88 -2.94 25.51
N GLU B 27 6.72 -3.95 25.29
CA GLU B 27 8.15 -3.85 25.67
C GLU B 27 8.77 -2.68 24.89
N LEU B 28 8.61 -2.66 23.57
CA LEU B 28 9.14 -1.59 22.68
C LEU B 28 8.70 -0.22 23.21
N ALA B 29 7.41 -0.05 23.45
CA ALA B 29 6.82 1.22 23.92
C ALA B 29 7.53 1.67 25.19
N ARG B 30 7.65 0.79 26.19
CA ARG B 30 8.43 1.03 27.44
C ARG B 30 9.81 1.60 27.07
N LEU B 31 10.51 0.99 26.12
CA LEU B 31 11.89 1.39 25.74
C LEU B 31 11.89 2.78 25.07
N VAL B 32 10.89 3.06 24.23
CA VAL B 32 10.72 4.42 23.64
C VAL B 32 10.52 5.42 24.79
N TRP B 33 9.60 5.13 25.71
CA TRP B 33 9.36 5.95 26.93
C TRP B 33 10.66 6.11 27.75
N GLN B 34 11.40 5.03 28.00
CA GLN B 34 12.60 5.03 28.89
C GLN B 34 13.77 5.83 28.30
N SER B 35 13.82 6.03 26.98
CA SER B 35 15.01 6.52 26.24
C SER B 35 14.96 8.04 26.12
N SER B 36 16.12 8.68 25.96
CA SER B 36 16.27 10.11 25.68
C SER B 36 16.69 10.29 24.22
N SER B 37 17.09 9.23 23.51
CA SER B 37 17.73 9.37 22.17
C SER B 37 17.46 8.11 21.33
N VAL B 38 16.45 8.18 20.46
CA VAL B 38 15.96 7.03 19.65
C VAL B 38 16.34 7.27 18.19
N VAL B 39 17.05 6.32 17.59
CA VAL B 39 17.25 6.30 16.12
C VAL B 39 16.48 5.12 15.53
N PHE B 40 15.75 5.36 14.44
CA PHE B 40 15.19 4.32 13.54
C PHE B 40 16.18 4.11 12.39
N HIS B 41 16.45 2.84 12.04
CA HIS B 41 17.06 2.44 10.74
C HIS B 41 16.07 1.62 9.90
N THR B 42 15.84 2.01 8.65
CA THR B 42 14.76 1.44 7.81
C THR B 42 15.35 0.85 6.52
N GLY B 43 14.85 -0.31 6.11
CA GLY B 43 15.10 -0.86 4.77
C GLY B 43 13.82 -1.16 4.01
N ALA B 44 13.99 -1.79 2.84
CA ALA B 44 12.98 -1.99 1.77
C ALA B 44 11.66 -2.56 2.31
N GLY B 45 11.71 -3.18 3.50
CA GLY B 45 10.58 -3.88 4.12
C GLY B 45 9.45 -2.93 4.49
N ILE B 46 9.77 -1.67 4.80
CA ILE B 46 8.73 -0.67 5.18
C ILE B 46 7.96 -0.21 3.93
N SER B 47 8.39 -0.64 2.72
CA SER B 47 7.79 -0.20 1.43
C SER B 47 7.04 -1.31 0.68
N THR B 48 7.12 -2.57 1.13
CA THR B 48 6.44 -3.72 0.48
C THR B 48 4.93 -3.51 0.45
N ALA B 49 4.35 -2.96 1.53
CA ALA B 49 2.91 -2.68 1.73
C ALA B 49 2.42 -1.51 0.86
N SER B 50 3.30 -0.71 0.26
CA SER B 50 2.90 0.27 -0.78
C SER B 50 3.20 -0.26 -2.20
N GLY B 51 3.60 -1.52 -2.35
CA GLY B 51 3.62 -2.25 -3.65
C GLY B 51 5.02 -2.35 -4.25
N ILE B 52 6.05 -1.99 -3.47
CA ILE B 52 7.48 -1.98 -3.89
C ILE B 52 8.16 -3.20 -3.26
N PRO B 53 8.68 -4.15 -4.05
CA PRO B 53 9.27 -5.36 -3.49
C PRO B 53 10.65 -5.10 -2.88
N ASP B 54 11.00 -5.94 -1.92
CA ASP B 54 12.27 -5.87 -1.17
C ASP B 54 13.32 -6.55 -2.03
N PHE B 55 14.49 -6.87 -1.47
CA PHE B 55 15.61 -7.49 -2.21
C PHE B 55 15.73 -8.97 -1.83
N ARG B 56 15.66 -9.28 -0.52
CA ARG B 56 16.06 -10.60 0.05
C ARG B 56 14.87 -11.31 0.70
N GLY B 57 13.64 -10.88 0.44
CA GLY B 57 12.46 -11.61 0.96
C GLY B 57 12.00 -12.67 -0.03
N PRO B 58 10.96 -13.45 0.27
CA PRO B 58 10.47 -14.49 -0.65
C PRO B 58 10.33 -14.01 -2.09
N HIS B 59 9.71 -12.86 -2.31
CA HIS B 59 9.43 -12.31 -3.67
C HIS B 59 10.39 -11.13 -3.95
N GLY B 60 11.53 -11.12 -3.25
CA GLY B 60 12.53 -10.03 -3.34
C GLY B 60 13.37 -10.12 -4.60
N VAL B 61 13.77 -8.97 -5.11
CA VAL B 61 14.54 -8.78 -6.38
C VAL B 61 15.65 -9.84 -6.49
N TRP B 62 16.57 -9.93 -5.53
CA TRP B 62 17.67 -10.93 -5.57
C TRP B 62 17.08 -12.34 -5.57
N THR B 63 16.11 -12.59 -4.69
CA THR B 63 15.46 -13.90 -4.48
C THR B 63 14.79 -14.35 -5.78
N MET B 64 14.03 -13.46 -6.42
CA MET B 64 13.35 -13.83 -7.69
C MET B 64 14.40 -14.16 -8.75
N GLU B 65 15.46 -13.35 -8.87
CA GLU B 65 16.54 -13.57 -9.86
C GLU B 65 17.04 -15.02 -9.79
N GLU B 66 17.42 -15.49 -8.58
CA GLU B 66 17.93 -16.86 -8.34
C GLU B 66 16.95 -17.92 -8.85
N ARG B 67 15.65 -17.80 -8.59
CA ARG B 67 14.64 -18.75 -9.13
C ARG B 67 14.36 -18.38 -10.59
N GLY B 68 15.18 -17.51 -11.18
CA GLY B 68 15.02 -17.02 -12.57
C GLY B 68 13.65 -16.43 -12.78
N LEU B 69 13.21 -15.58 -11.86
CA LEU B 69 11.90 -14.87 -11.96
C LEU B 69 12.16 -13.37 -11.88
N ALA B 70 11.19 -12.57 -12.33
CA ALA B 70 11.16 -11.10 -12.21
C ALA B 70 10.43 -10.76 -10.93
N PRO B 71 10.92 -9.77 -10.14
CA PRO B 71 10.20 -9.29 -8.98
C PRO B 71 8.99 -8.49 -9.50
N LYS B 72 7.98 -8.29 -8.66
CA LYS B 72 6.75 -7.57 -9.05
C LYS B 72 6.70 -6.18 -8.38
N PHE B 73 6.40 -5.18 -9.20
CA PHE B 73 6.01 -3.81 -8.80
C PHE B 73 4.48 -3.74 -8.97
N ASP B 74 3.74 -3.39 -7.92
CA ASP B 74 2.29 -3.06 -7.99
C ASP B 74 2.09 -1.55 -8.00
N THR B 75 3.16 -0.76 -8.10
CA THR B 75 3.09 0.71 -8.29
C THR B 75 4.37 1.23 -8.96
N THR B 76 4.29 2.41 -9.55
CA THR B 76 5.47 3.17 -10.03
C THR B 76 6.06 3.81 -8.79
N PHE B 77 7.31 4.24 -8.87
CA PHE B 77 7.98 5.03 -7.83
C PHE B 77 7.19 6.33 -7.64
N GLU B 78 6.70 6.89 -8.74
CA GLU B 78 5.96 8.17 -8.77
C GLU B 78 4.61 8.09 -8.05
N SER B 79 3.90 6.97 -8.22
CA SER B 79 2.51 6.74 -7.70
C SER B 79 2.53 5.98 -6.36
N ALA B 80 3.69 5.63 -5.84
CA ALA B 80 3.78 4.89 -4.57
C ALA B 80 3.38 5.82 -3.43
N ARG B 81 2.50 5.37 -2.54
CA ARG B 81 2.12 6.17 -1.35
C ARG B 81 2.90 5.63 -0.15
N PRO B 82 3.41 6.55 0.70
CA PRO B 82 4.04 6.17 1.96
C PRO B 82 3.09 5.33 2.79
N THR B 83 3.65 4.33 3.47
CA THR B 83 2.91 3.36 4.30
C THR B 83 2.54 4.01 5.64
N GLN B 84 1.70 3.31 6.39
CA GLN B 84 1.41 3.67 7.80
C GLN B 84 2.75 3.81 8.55
N THR B 85 3.76 2.96 8.29
CA THR B 85 5.05 3.00 9.02
C THR B 85 5.75 4.33 8.67
N HIS B 86 5.72 4.75 7.41
CA HIS B 86 6.34 6.01 6.96
C HIS B 86 5.74 7.21 7.73
N MET B 87 4.41 7.30 7.70
CA MET B 87 3.67 8.43 8.32
C MET B 87 3.86 8.40 9.84
N ALA B 88 3.95 7.22 10.45
CA ALA B 88 4.22 7.10 11.90
C ALA B 88 5.59 7.73 12.25
N LEU B 89 6.63 7.44 11.47
CA LEU B 89 7.99 7.99 11.68
C LEU B 89 7.92 9.52 11.57
N VAL B 90 7.08 10.04 10.68
CA VAL B 90 6.90 11.51 10.54
C VAL B 90 6.39 12.05 11.87
N GLN B 91 5.43 11.36 12.48
CA GLN B 91 4.76 11.85 13.69
C GLN B 91 5.70 11.75 14.89
N LEU B 92 6.45 10.65 15.01
CA LEU B 92 7.48 10.47 16.06
C LEU B 92 8.52 11.60 16.03
N GLU B 93 8.96 12.02 14.86
CA GLU B 93 9.96 13.11 14.73
C GLU B 93 9.34 14.41 15.21
N ARG B 94 8.08 14.63 14.85
CA ARG B 94 7.37 15.91 15.08
C ARG B 94 7.05 16.09 16.56
N VAL B 95 6.91 15.02 17.34
CA VAL B 95 6.65 15.12 18.80
C VAL B 95 7.92 14.84 19.62
N GLY B 96 9.08 14.68 18.98
CA GLY B 96 10.41 14.64 19.63
C GLY B 96 10.78 13.28 20.20
N LEU B 97 10.08 12.20 19.84
CA LEU B 97 10.41 10.83 20.27
C LEU B 97 11.37 10.14 19.29
N LEU B 98 11.78 10.81 18.23
CA LEU B 98 12.70 10.25 17.20
C LEU B 98 13.77 11.31 16.89
N ARG B 99 15.04 11.06 17.22
CA ARG B 99 16.14 12.06 17.12
C ARG B 99 16.66 12.09 15.66
N PHE B 100 16.98 10.93 15.09
CA PHE B 100 17.48 10.79 13.70
C PHE B 100 16.81 9.58 13.03
N LEU B 101 16.89 9.57 11.70
CA LEU B 101 16.36 8.44 10.92
C LEU B 101 17.43 8.15 9.85
N VAL B 102 17.80 6.88 9.74
CA VAL B 102 18.78 6.36 8.75
C VAL B 102 18.11 5.31 7.88
N SER B 103 18.09 5.51 6.57
CA SER B 103 17.40 4.61 5.59
C SER B 103 18.36 4.15 4.49
N GLN B 104 18.17 2.91 4.02
CA GLN B 104 18.96 2.31 2.91
C GLN B 104 18.15 2.44 1.64
N ASN B 105 16.89 2.86 1.74
CA ASN B 105 15.96 2.78 0.60
C ASN B 105 16.26 3.91 -0.36
N VAL B 106 16.13 3.65 -1.64
CA VAL B 106 16.39 4.66 -2.71
C VAL B 106 15.07 5.17 -3.29
N ASP B 107 13.94 4.74 -2.70
CA ASP B 107 12.56 4.87 -3.22
C ASP B 107 11.96 6.28 -3.01
N GLY B 108 12.56 7.13 -2.19
CA GLY B 108 12.22 8.56 -2.04
C GLY B 108 11.02 8.82 -1.14
N LEU B 109 10.46 7.80 -0.50
CA LEU B 109 9.16 7.89 0.21
C LEU B 109 9.31 8.64 1.55
N HIS B 110 10.44 8.50 2.23
CA HIS B 110 10.76 9.29 3.45
C HIS B 110 10.62 10.76 3.09
N VAL B 111 11.37 11.21 2.10
CA VAL B 111 11.34 12.64 1.69
C VAL B 111 9.91 12.97 1.28
N ARG B 112 9.30 12.16 0.41
CA ARG B 112 7.94 12.49 -0.10
C ARG B 112 6.87 12.46 0.99
N SER B 113 7.05 11.66 2.05
CA SER B 113 6.18 11.66 3.25
C SER B 113 6.25 13.03 4.01
N GLY B 114 7.28 13.81 3.71
CA GLY B 114 7.45 15.12 4.37
C GLY B 114 8.33 14.98 5.60
N PHE B 115 9.03 13.87 5.74
CA PHE B 115 10.10 13.77 6.77
C PHE B 115 11.13 14.87 6.52
N PRO B 116 11.62 15.59 7.56
CA PRO B 116 12.62 16.64 7.39
C PRO B 116 14.00 16.12 6.99
N ARG B 117 14.52 16.59 5.84
CA ARG B 117 15.78 16.11 5.24
C ARG B 117 16.97 16.29 6.20
N ASP B 118 16.98 17.31 7.05
CA ASP B 118 18.13 17.57 7.96
C ASP B 118 18.13 16.53 9.08
N LYS B 119 17.18 15.59 9.12
CA LYS B 119 17.15 14.52 10.17
C LYS B 119 17.13 13.11 9.56
N LEU B 120 17.42 13.00 8.26
CA LEU B 120 17.45 11.76 7.44
C LEU B 120 18.85 11.57 6.86
N ALA B 121 19.44 10.37 6.96
CA ALA B 121 20.61 9.96 6.16
C ALA B 121 20.11 8.97 5.11
N GLU B 122 20.12 9.35 3.83
CA GLU B 122 19.81 8.38 2.73
C GLU B 122 21.14 7.75 2.33
N LEU B 123 21.49 6.68 3.02
CA LEU B 123 22.75 5.92 2.90
C LEU B 123 23.00 5.46 1.45
N HIS B 124 21.97 5.05 0.70
CA HIS B 124 22.20 4.47 -0.66
C HIS B 124 21.72 5.41 -1.75
N GLY B 125 21.27 6.62 -1.40
CA GLY B 125 20.78 7.63 -2.36
C GLY B 125 19.28 7.54 -2.63
N ASN B 126 18.80 8.20 -3.71
CA ASN B 126 17.38 8.58 -3.90
C ASN B 126 17.06 8.75 -5.39
N MET B 127 16.20 7.86 -5.91
CA MET B 127 15.74 7.88 -7.31
C MET B 127 15.41 9.31 -7.73
N PHE B 128 14.88 10.11 -6.82
CA PHE B 128 14.23 11.41 -7.16
C PHE B 128 15.22 12.56 -7.05
N VAL B 129 16.45 12.32 -6.57
CA VAL B 129 17.43 13.41 -6.27
C VAL B 129 18.61 13.40 -7.26
N GLU B 130 18.86 14.56 -7.88
CA GLU B 130 20.10 14.91 -8.61
C GLU B 130 20.98 15.80 -7.73
N GLU B 131 22.30 15.63 -7.82
CA GLU B 131 23.33 16.49 -7.17
C GLU B 131 24.07 17.24 -8.28
N CYS B 132 24.60 18.43 -8.00
CA CYS B 132 25.51 19.14 -8.94
C CYS B 132 26.94 18.66 -8.70
N ALA B 133 27.57 18.19 -9.77
CA ALA B 133 28.97 17.77 -9.74
C ALA B 133 29.83 18.99 -9.43
N LYS B 134 29.29 20.19 -9.62
CA LYS B 134 30.17 21.35 -9.32
C LYS B 134 29.87 21.84 -7.91
N CYS B 135 28.71 22.42 -7.64
CA CYS B 135 28.52 23.09 -6.32
C CYS B 135 27.86 22.19 -5.28
N LYS B 136 27.66 20.89 -5.57
CA LYS B 136 27.11 19.91 -4.61
C LYS B 136 25.66 20.28 -4.22
N THR B 137 24.95 21.07 -5.03
CA THR B 137 23.53 21.40 -4.76
C THR B 137 22.67 20.19 -5.14
N GLN B 138 21.67 19.89 -4.29
CA GLN B 138 20.69 18.79 -4.49
C GLN B 138 19.34 19.33 -4.99
N TYR B 139 18.82 18.75 -6.06
CA TYR B 139 17.46 18.96 -6.62
C TYR B 139 16.60 17.70 -6.35
N VAL B 140 15.57 17.85 -5.52
CA VAL B 140 14.52 16.81 -5.30
C VAL B 140 13.44 17.02 -6.37
N ARG B 141 13.37 16.12 -7.37
CA ARG B 141 12.45 16.19 -8.54
C ARG B 141 11.12 15.44 -8.30
N ASP B 142 10.14 15.60 -9.21
CA ASP B 142 8.79 15.03 -9.01
C ASP B 142 8.69 13.69 -9.75
N THR B 143 9.70 13.33 -10.54
CA THR B 143 9.80 12.02 -11.25
C THR B 143 11.19 11.44 -10.97
N VAL B 144 11.39 10.13 -11.19
CA VAL B 144 12.72 9.46 -11.01
C VAL B 144 13.66 9.95 -12.11
N VAL B 145 14.89 10.28 -11.76
CA VAL B 145 15.84 11.08 -12.60
C VAL B 145 16.11 10.39 -13.95
N GLY B 146 16.44 9.09 -13.94
CA GLY B 146 16.58 8.32 -15.20
C GLY B 146 17.79 7.41 -15.20
N THR B 147 18.84 7.76 -14.45
CA THR B 147 20.12 7.00 -14.40
C THR B 147 20.29 6.38 -13.01
N MET B 148 21.20 5.40 -12.90
CA MET B 148 21.68 4.82 -11.61
C MET B 148 23.20 4.66 -11.71
N GLY B 149 23.94 4.91 -10.64
CA GLY B 149 25.42 4.70 -10.61
C GLY B 149 26.24 5.98 -10.69
N LEU B 150 25.63 7.15 -10.39
CA LEU B 150 26.26 8.50 -10.33
C LEU B 150 26.73 8.93 -11.73
N LYS B 151 25.90 8.74 -12.75
CA LYS B 151 26.18 9.18 -14.15
C LYS B 151 25.31 10.41 -14.45
N ALA B 152 25.58 11.08 -15.57
CA ALA B 152 25.00 12.38 -15.97
C ALA B 152 23.53 12.22 -16.43
N THR B 153 22.64 13.05 -15.89
CA THR B 153 21.20 13.09 -16.21
C THR B 153 21.00 13.89 -17.51
N GLY B 154 21.91 14.83 -17.81
CA GLY B 154 21.81 15.71 -18.99
C GLY B 154 21.06 16.99 -18.67
N ARG B 155 20.74 17.21 -17.39
CA ARG B 155 20.26 18.50 -16.85
C ARG B 155 21.42 19.22 -16.16
N LEU B 156 21.37 20.57 -16.14
CA LEU B 156 22.47 21.48 -15.69
C LEU B 156 21.99 22.31 -14.49
N CYS B 157 22.91 22.61 -13.57
CA CYS B 157 22.68 23.43 -12.34
C CYS B 157 22.14 24.82 -12.71
N THR B 158 21.39 25.45 -11.81
CA THR B 158 20.63 26.71 -12.08
C THR B 158 20.85 27.76 -10.98
N VAL B 159 21.91 27.64 -10.18
CA VAL B 159 22.22 28.54 -9.03
C VAL B 159 22.89 29.81 -9.58
N ALA B 160 22.67 30.96 -8.93
CA ALA B 160 23.18 32.31 -9.30
C ALA B 160 22.69 33.35 -8.28
N CYS B 168 25.85 28.70 -13.19
CA CYS B 168 26.73 27.61 -12.68
C CYS B 168 26.90 26.51 -13.73
N ARG B 169 25.80 26.01 -14.28
CA ARG B 169 25.78 25.16 -15.50
C ARG B 169 26.67 23.93 -15.34
N GLY B 170 26.70 23.33 -14.14
CA GLY B 170 27.49 22.12 -13.84
C GLY B 170 26.74 20.86 -14.22
N GLU B 171 27.40 19.69 -14.25
CA GLU B 171 26.74 18.42 -14.65
C GLU B 171 26.00 17.84 -13.43
N LEU B 172 24.66 17.72 -13.53
CA LEU B 172 23.78 17.03 -12.55
C LEU B 172 23.89 15.53 -12.76
N ARG B 173 24.13 14.78 -11.69
CA ARG B 173 24.16 13.29 -11.80
C ARG B 173 23.17 12.68 -10.81
N ASP B 174 22.79 11.42 -11.05
CA ASP B 174 21.98 10.59 -10.13
C ASP B 174 22.74 10.44 -8.81
N THR B 175 22.06 9.93 -7.78
CA THR B 175 22.64 9.74 -6.43
C THR B 175 22.56 8.26 -6.02
N ILE B 176 22.25 7.37 -6.95
CA ILE B 176 22.11 5.91 -6.68
C ILE B 176 23.49 5.28 -6.83
N LEU B 177 24.10 4.90 -5.72
CA LEU B 177 25.39 4.17 -5.69
C LEU B 177 25.26 2.94 -6.59
N ASP B 178 26.32 2.56 -7.29
CA ASP B 178 26.47 1.23 -7.91
C ASP B 178 27.28 0.36 -6.94
N TRP B 179 27.68 -0.85 -7.35
CA TRP B 179 28.12 -1.95 -6.46
C TRP B 179 29.45 -1.66 -5.76
N GLU B 180 30.27 -0.69 -6.18
CA GLU B 180 31.59 -0.43 -5.52
C GLU B 180 31.64 0.99 -4.94
N ASP B 181 30.67 1.86 -5.24
CA ASP B 181 30.68 3.29 -4.82
C ASP B 181 30.70 3.37 -3.29
N SER B 182 31.50 4.29 -2.74
CA SER B 182 31.52 4.70 -1.32
C SER B 182 30.21 5.40 -0.97
N LEU B 183 29.76 5.20 0.27
CA LEU B 183 28.57 5.87 0.87
C LEU B 183 28.81 7.37 0.93
N PRO B 184 27.79 8.21 0.66
CA PRO B 184 27.91 9.65 0.86
C PRO B 184 28.44 9.95 2.27
N ASP B 185 29.50 10.77 2.34
CA ASP B 185 30.27 11.07 3.57
C ASP B 185 29.44 11.88 4.57
N ARG B 186 28.69 12.90 4.13
CA ARG B 186 27.90 13.71 5.09
C ARG B 186 26.84 12.78 5.71
N ASP B 187 26.12 12.02 4.88
CA ASP B 187 25.00 11.14 5.32
C ASP B 187 25.54 10.07 6.25
N LEU B 188 26.64 9.41 5.88
CA LEU B 188 27.31 8.36 6.69
C LEU B 188 27.81 8.95 8.01
N ALA B 189 28.37 10.16 7.95
CA ALA B 189 28.92 10.84 9.14
C ALA B 189 27.77 11.04 10.14
N LEU B 190 26.71 11.74 9.71
CA LEU B 190 25.55 12.10 10.57
C LEU B 190 24.95 10.82 11.17
N ALA B 191 24.90 9.76 10.35
CA ALA B 191 24.30 8.46 10.70
C ALA B 191 25.11 7.80 11.82
N ASP B 192 26.45 7.84 11.69
CA ASP B 192 27.40 7.21 12.66
C ASP B 192 27.31 7.96 14.00
N GLU B 193 27.28 9.30 13.95
CA GLU B 193 27.06 10.16 15.14
C GLU B 193 25.74 9.75 15.82
N ALA B 194 24.63 9.80 15.08
CA ALA B 194 23.29 9.50 15.65
C ALA B 194 23.28 8.09 16.27
N SER B 195 23.93 7.11 15.64
CA SER B 195 23.96 5.72 16.13
C SER B 195 24.82 5.64 17.40
N ARG B 196 26.08 6.08 17.34
CA ARG B 196 26.99 6.10 18.52
C ARG B 196 26.26 6.73 19.73
N ASN B 197 25.65 7.89 19.58
CA ASN B 197 25.18 8.68 20.77
C ASN B 197 23.71 8.37 21.11
N ALA B 198 23.21 7.16 20.83
CA ALA B 198 21.82 6.72 21.08
C ALA B 198 21.77 5.71 22.22
N ASP B 199 20.68 5.72 22.99
CA ASP B 199 20.40 4.71 24.03
C ASP B 199 19.29 3.78 23.52
N LEU B 200 18.79 4.03 22.30
CA LEU B 200 17.86 3.09 21.62
C LEU B 200 17.93 3.24 20.10
N SER B 201 18.32 2.17 19.41
CA SER B 201 18.16 1.95 17.96
C SER B 201 17.06 0.91 17.67
N ILE B 202 16.18 1.19 16.71
CA ILE B 202 15.11 0.24 16.27
C ILE B 202 15.27 0.08 14.77
N THR B 203 15.38 -1.15 14.27
CA THR B 203 15.54 -1.49 12.84
C THR B 203 14.19 -1.99 12.34
N LEU B 204 13.69 -1.41 11.27
CA LEU B 204 12.39 -1.77 10.66
C LEU B 204 12.67 -2.21 9.23
N GLY B 205 12.15 -3.38 8.86
CA GLY B 205 12.28 -3.99 7.53
C GLY B 205 13.68 -3.91 6.93
N THR B 206 14.73 -4.22 7.70
CA THR B 206 16.10 -4.47 7.15
C THR B 206 16.67 -5.79 7.72
N SER B 207 17.26 -6.58 6.83
CA SER B 207 18.07 -7.82 7.07
C SER B 207 19.48 -7.51 7.62
N LEU B 208 19.91 -6.26 7.60
CA LEU B 208 21.20 -5.76 8.15
C LEU B 208 22.43 -6.48 7.56
N GLN B 209 22.41 -6.85 6.28
CA GLN B 209 23.52 -7.62 5.64
C GLN B 209 24.56 -6.70 4.98
N ILE B 210 24.28 -5.42 4.69
CA ILE B 210 25.20 -4.52 3.94
C ILE B 210 26.22 -3.91 4.91
N ARG B 211 27.49 -3.84 4.50
CA ARG B 211 28.63 -3.78 5.45
C ARG B 211 28.53 -2.51 6.28
N PRO B 212 28.59 -1.29 5.71
CA PRO B 212 28.57 -0.10 6.57
C PRO B 212 27.17 0.03 7.22
N SER B 213 26.14 0.09 6.38
CA SER B 213 24.73 0.40 6.74
C SER B 213 24.17 -0.50 7.86
N GLY B 214 24.31 -1.83 7.73
CA GLY B 214 23.76 -2.82 8.69
C GLY B 214 24.45 -2.88 10.04
N ASN B 215 25.67 -2.32 10.19
CA ASN B 215 26.48 -2.34 11.45
C ASN B 215 26.06 -1.21 12.40
N LEU B 216 25.55 -0.11 11.89
CA LEU B 216 25.36 1.16 12.66
C LEU B 216 24.46 0.91 13.87
N PRO B 217 23.35 0.14 13.76
CA PRO B 217 22.60 -0.26 14.94
C PRO B 217 23.42 -0.86 16.08
N LEU B 218 24.47 -1.64 15.77
CA LEU B 218 25.35 -2.27 16.79
C LEU B 218 26.05 -1.17 17.61
N ALA B 219 26.42 -0.05 16.98
CA ALA B 219 27.19 1.05 17.63
C ALA B 219 26.36 1.68 18.76
N THR B 220 25.02 1.49 18.73
CA THR B 220 24.11 1.93 19.82
C THR B 220 24.38 1.05 21.05
N LYS B 221 24.69 -0.22 20.83
CA LYS B 221 24.87 -1.16 21.97
C LYS B 221 26.13 -0.81 22.77
N ARG B 222 27.17 -0.23 22.15
CA ARG B 222 28.34 0.30 22.90
C ARG B 222 27.85 1.39 23.86
N ARG B 223 28.36 1.36 25.09
CA ARG B 223 27.99 2.28 26.20
C ARG B 223 26.48 2.15 26.49
N GLY B 224 26.01 0.90 26.61
CA GLY B 224 24.85 0.53 27.45
C GLY B 224 23.52 0.60 26.72
N GLY B 225 23.55 0.99 25.44
CA GLY B 225 22.35 1.30 24.67
C GLY B 225 21.65 0.05 24.16
N ARG B 226 20.33 0.09 24.05
CA ARG B 226 19.45 -1.05 23.66
C ARG B 226 19.30 -1.08 22.12
N LEU B 227 19.20 -2.28 21.54
CA LEU B 227 18.88 -2.46 20.10
C LEU B 227 17.54 -3.20 20.02
N VAL B 228 16.64 -2.77 19.12
CA VAL B 228 15.39 -3.50 18.81
C VAL B 228 15.34 -3.75 17.30
N ILE B 229 14.85 -4.92 16.91
CA ILE B 229 14.83 -5.40 15.52
C ILE B 229 13.42 -5.90 15.20
N VAL B 230 12.87 -5.39 14.09
CA VAL B 230 11.47 -5.68 13.64
C VAL B 230 11.60 -6.16 12.21
N ASN B 231 11.47 -7.45 12.00
CA ASN B 231 11.73 -8.09 10.68
C ASN B 231 10.94 -9.39 10.60
N LEU B 232 10.38 -9.72 9.45
CA LEU B 232 9.67 -11.01 9.25
C LEU B 232 10.71 -12.15 9.18
N GLN B 233 11.88 -11.90 8.59
CA GLN B 233 12.97 -12.90 8.45
C GLN B 233 14.00 -12.69 9.53
N PRO B 234 14.82 -13.72 9.81
CA PRO B 234 16.03 -13.55 10.61
C PRO B 234 16.90 -12.45 9.98
N THR B 235 17.71 -11.78 10.80
CA THR B 235 18.68 -10.75 10.37
C THR B 235 20.09 -11.21 10.74
N LYS B 236 21.09 -10.53 10.20
CA LYS B 236 22.53 -10.75 10.49
C LYS B 236 22.81 -10.63 11.98
N HIS B 237 22.10 -9.78 12.71
CA HIS B 237 22.50 -9.37 14.08
C HIS B 237 21.47 -9.79 15.14
N ASP B 238 20.55 -10.71 14.81
CA ASP B 238 19.50 -11.18 15.77
C ASP B 238 20.05 -11.38 17.19
N ARG B 239 21.28 -11.90 17.39
CA ARG B 239 21.83 -12.25 18.73
C ARG B 239 22.21 -11.00 19.54
N HIS B 240 22.46 -9.86 18.88
CA HIS B 240 22.85 -8.60 19.54
C HIS B 240 21.63 -7.84 20.09
N ALA B 241 20.42 -8.15 19.62
CA ALA B 241 19.18 -7.42 20.00
C ALA B 241 18.82 -7.67 21.48
N ASP B 242 18.12 -6.71 22.09
CA ASP B 242 17.45 -6.89 23.40
C ASP B 242 16.01 -7.35 23.17
N LEU B 243 15.41 -6.98 22.03
CA LEU B 243 14.03 -7.35 21.65
C LEU B 243 14.01 -7.64 20.15
N ARG B 244 13.41 -8.76 19.75
CA ARG B 244 13.20 -9.15 18.34
C ARG B 244 11.69 -9.30 18.14
N ILE B 245 11.15 -8.58 17.17
CA ILE B 245 9.69 -8.58 16.86
C ILE B 245 9.51 -9.08 15.43
N HIS B 246 8.96 -10.30 15.31
CA HIS B 246 8.64 -10.98 14.03
C HIS B 246 7.14 -10.75 13.72
N GLY B 247 6.87 -9.65 13.01
CA GLY B 247 5.54 -9.22 12.54
C GLY B 247 5.68 -8.18 11.45
N TYR B 248 4.57 -7.86 10.77
CA TYR B 248 4.47 -6.74 9.79
C TYR B 248 4.73 -5.43 10.54
N VAL B 249 5.75 -4.67 10.10
CA VAL B 249 6.08 -3.34 10.69
C VAL B 249 4.82 -2.46 10.78
N ASP B 250 3.91 -2.52 9.81
CA ASP B 250 2.69 -1.66 9.86
C ASP B 250 1.87 -2.02 11.09
N GLU B 251 1.52 -3.30 11.26
CA GLU B 251 0.86 -3.79 12.49
C GLU B 251 1.65 -3.36 13.74
N VAL B 252 2.98 -3.49 13.74
CA VAL B 252 3.83 -3.18 14.94
C VAL B 252 3.71 -1.69 15.23
N MET B 253 3.88 -0.89 14.19
CA MET B 253 3.98 0.58 14.31
C MET B 253 2.62 1.18 14.67
N THR B 254 1.51 0.61 14.21
CA THR B 254 0.14 1.09 14.56
C THR B 254 -0.16 0.74 16.02
N ARG B 255 0.18 -0.49 16.46
CA ARG B 255 0.05 -0.84 17.89
C ARG B 255 0.87 0.14 18.74
N LEU B 256 2.11 0.43 18.31
CA LEU B 256 3.07 1.29 19.06
C LEU B 256 2.49 2.70 19.22
N MET B 257 2.04 3.34 18.14
CA MET B 257 1.47 4.71 18.17
C MET B 257 0.24 4.71 19.09
N LYS B 258 -0.62 3.70 18.96
CA LYS B 258 -1.78 3.55 19.89
C LYS B 258 -1.29 3.57 21.35
N HIS B 259 -0.30 2.78 21.72
CA HIS B 259 0.18 2.73 23.13
C HIS B 259 0.82 4.06 23.53
N LEU B 260 1.31 4.83 22.57
CA LEU B 260 2.00 6.11 22.85
C LEU B 260 0.95 7.22 22.93
N GLY B 261 -0.29 6.95 22.53
CA GLY B 261 -1.41 7.91 22.47
C GLY B 261 -1.19 8.94 21.38
N LEU B 262 -0.77 8.50 20.17
CA LEU B 262 -0.38 9.36 19.02
C LEU B 262 -1.15 8.97 17.77
N GLU B 263 -1.79 9.92 17.09
CA GLU B 263 -2.39 9.66 15.75
C GLU B 263 -1.28 9.53 14.69
N ILE B 264 -1.58 8.78 13.65
CA ILE B 264 -0.78 8.70 12.40
C ILE B 264 -1.38 9.74 11.47
N PRO B 265 -0.57 10.72 11.03
CA PRO B 265 -1.06 11.83 10.23
C PRO B 265 -1.43 11.37 8.83
N ALA B 266 -2.38 12.06 8.21
CA ALA B 266 -2.75 11.90 6.80
C ALA B 266 -1.56 12.35 5.94
N TRP B 267 -1.45 11.79 4.74
CA TRP B 267 -0.48 12.20 3.70
C TRP B 267 -1.09 13.23 2.74
N ASP B 268 -0.71 14.49 2.95
CA ASP B 268 -1.03 15.68 2.11
C ASP B 268 -0.71 15.42 0.63
N GLY B 269 0.10 14.40 0.31
CA GLY B 269 0.68 14.15 -1.04
C GLY B 269 2.16 14.49 -1.06
N PRO B 270 2.86 14.37 -2.23
CA PRO B 270 4.32 14.55 -2.28
C PRO B 270 4.79 15.92 -1.82
N ARG B 271 5.62 15.99 -0.76
CA ARG B 271 6.05 17.27 -0.11
C ARG B 271 7.48 17.14 0.40
N VAL B 272 8.34 18.12 0.07
CA VAL B 272 9.74 18.23 0.57
C VAL B 272 9.77 19.20 1.76
N LEU B 273 10.24 18.75 2.93
CA LEU B 273 10.58 19.61 4.09
C LEU B 273 12.09 19.53 4.34
N GLU B 274 12.84 20.60 4.09
CA GLU B 274 14.33 20.60 4.18
C GLU B 274 14.75 20.56 5.65
N ARG B 275 14.26 21.48 6.47
CA ARG B 275 14.66 21.65 7.91
C ARG B 275 13.50 21.22 8.80
N ALA B 276 13.80 20.49 9.88
CA ALA B 276 12.80 20.07 10.91
C ALA B 276 12.20 21.33 11.59
N LEU B 277 10.89 21.27 11.88
CA LEU B 277 10.15 22.33 12.62
C LEU B 277 10.25 22.05 14.11
N PRO B 278 10.10 23.06 14.98
CA PRO B 278 10.23 22.84 16.42
C PRO B 278 9.18 21.85 16.90
N PRO B 279 9.42 21.20 18.04
CA PRO B 279 8.62 20.05 18.46
C PRO B 279 7.18 20.39 18.92
N LEU B 280 6.24 19.50 18.59
CA LEU B 280 4.81 19.63 18.95
C LEU B 280 4.60 18.96 20.31
N PRO B 281 3.48 19.25 21.02
CA PRO B 281 3.22 18.62 22.31
C PRO B 281 3.04 17.11 22.16
N ARG B 282 3.40 16.31 23.18
CA ARG B 282 3.13 14.85 23.21
C ARG B 282 2.48 14.43 24.53
N PRO B 283 1.80 13.26 24.56
CA PRO B 283 1.24 12.77 25.82
C PRO B 283 2.28 12.66 26.93
N PRO B 284 1.89 12.79 28.21
CA PRO B 284 2.80 12.48 29.31
C PRO B 284 3.06 10.96 29.41
N THR B 285 4.20 10.62 30.01
CA THR B 285 4.76 9.25 30.15
C THR B 285 4.00 8.48 31.23
N PRO B 286 3.75 7.17 31.03
CA PRO B 286 3.24 6.33 32.12
C PRO B 286 4.25 6.30 33.27
N LYS B 287 3.85 5.69 34.39
CA LYS B 287 4.79 5.33 35.49
C LYS B 287 5.43 4.01 35.10
N LEU B 288 6.72 3.85 35.32
CA LEU B 288 7.43 2.60 34.95
C LEU B 288 8.31 2.13 36.13
N GLU B 289 7.95 1.00 36.75
CA GLU B 289 8.77 0.25 37.75
C GLU B 289 8.97 1.12 39.00
#